data_6EO8
#
_entry.id   6EO8
#
_cell.length_a   66.990
_cell.length_b   71.660
_cell.length_c   71.790
_cell.angle_alpha   90.00
_cell.angle_beta   99.70
_cell.angle_gamma   90.00
#
_symmetry.space_group_name_H-M   'C 1 2 1'
#
loop_
_entity.id
_entity.type
_entity.pdbx_description
1 polymer Prothrombin
2 polymer Prothrombin
3 polymer 'Hirudin variant-2'
4 non-polymer 'DIMETHYL SULFOXIDE'
5 non-polymer N-(2-{[5-(5-chlorothiophen-2-yl)-1,2-oxazol-3-yl]methoxy}-6-[3-(beta-D-glucopyranosyloxy)propoxy]phenyl)-1-(propan-2-yl)piperidine-4-carboxamide
6 water water
#
loop_
_entity_poly.entity_id
_entity_poly.type
_entity_poly.pdbx_seq_one_letter_code
_entity_poly.pdbx_strand_id
1 'polypeptide(L)' TFGSGEADCGLRPLFEKKSLEDKTERELLESYIDGR L
2 'polypeptide(L)'
;IVEGSDAEIGMSPWQVMLFRKSPQELLCGASLISDRWVLTAAHCLLYPPWDKNFTENDLLVRIGKHSRTRYERNIEKISM
LEKIYIHPRYNWRENLDRDIALMKLKKPVAFSDYIHPVCLPDRETAASLLQAGYKGRVTGWGNLKETWTANVGKGQPSVL
QVVNLPIVERPVCKDSTRIRITDNMFCAGYKPDEGKRGDACEGDSGGPFVMKSPFNNRWYQMGIVSWGEGCDRDGKYGFY
THVFRLKKWIQKVIDQFGE
;
H
3 'polypeptide(L)' NGDFEEIPEE(TYS)L I
#
# COMPACT_ATOMS: atom_id res chain seq x y z
N ALA A 7 4.84 -8.58 -16.15
CA ALA A 7 5.58 -8.64 -17.46
C ALA A 7 6.66 -7.55 -17.48
N ASP A 8 6.14 -6.33 -17.53
CA ASP A 8 6.91 -5.15 -17.39
C ASP A 8 6.82 -4.58 -15.91
N CYS A 9 6.28 -5.38 -14.97
CA CYS A 9 5.97 -4.88 -13.60
C CYS A 9 7.19 -4.43 -12.81
N GLY A 10 6.96 -3.42 -11.94
CA GLY A 10 7.94 -2.97 -10.97
C GLY A 10 9.13 -2.21 -11.50
N LEU A 11 9.05 -1.81 -12.77
CA LEU A 11 10.09 -1.01 -13.37
C LEU A 11 9.43 0.31 -13.70
N ARG A 12 9.88 1.34 -12.97
CA ARG A 12 9.16 2.63 -12.99
C ARG A 12 9.60 3.47 -14.22
N PRO A 13 8.64 4.07 -14.96
CA PRO A 13 9.02 4.88 -16.12
C PRO A 13 10.06 5.96 -15.86
N LEU A 14 10.01 6.64 -14.70
CA LEU A 14 10.99 7.69 -14.40
C LEU A 14 12.22 7.33 -13.59
N PHE A 15 12.36 6.05 -13.23
CA PHE A 15 13.54 5.62 -12.50
C PHE A 15 14.19 4.44 -13.27
N GLU A 16 13.77 3.20 -13.00
CA GLU A 16 14.48 2.03 -13.52
C GLU A 16 14.41 2.06 -15.06
N LYS A 17 13.30 2.45 -15.66
CA LYS A 17 13.22 2.45 -17.11
C LYS A 17 14.13 3.49 -17.75
N LYS A 18 14.66 4.44 -16.98
CA LYS A 18 15.66 5.43 -17.43
C LYS A 18 16.96 5.30 -16.68
N SER A 19 17.08 4.18 -15.99
CA SER A 19 18.21 3.93 -15.13
C SER A 19 18.54 5.13 -14.25
N LEU A 20 17.54 5.73 -13.60
CA LEU A 20 17.78 6.77 -12.58
C LEU A 20 17.43 6.20 -11.19
N GLU A 21 18.16 6.62 -10.17
CA GLU A 21 17.91 6.17 -8.83
C GLU A 21 17.03 7.14 -8.13
N ASP A 22 16.21 6.69 -7.18
CA ASP A 22 15.44 7.66 -6.37
C ASP A 22 16.28 8.01 -5.17
N LYS A 23 15.84 8.99 -4.40
CA LYS A 23 16.71 9.53 -3.36
C LYS A 23 16.94 8.64 -2.17
N THR A 24 16.12 7.63 -1.93
CA THR A 24 16.30 6.77 -0.75
C THR A 24 16.30 5.28 -1.05
N GLU A 25 16.25 4.85 -2.32
CA GLU A 25 16.22 3.41 -2.61
C GLU A 25 17.50 2.73 -2.13
N ARG A 26 18.62 3.43 -2.18
CA ARG A 26 19.85 2.87 -1.63
C ARG A 26 19.76 2.44 -0.15
N GLU A 27 18.96 3.11 0.70
CA GLU A 27 18.74 2.68 2.10
C GLU A 27 18.11 1.27 2.24
N LEU A 28 17.18 0.98 1.35
CA LEU A 28 16.65 -0.37 1.17
C LEU A 28 17.71 -1.41 0.77
N LEU A 29 18.37 -1.19 -0.36
CA LEU A 29 19.37 -2.15 -0.89
C LEU A 29 20.46 -2.41 0.12
N GLU A 30 20.91 -1.39 0.82
CA GLU A 30 21.95 -1.55 1.84
C GLU A 30 21.47 -2.42 3.03
N SER A 31 20.17 -2.37 3.34
CA SER A 31 19.65 -3.21 4.39
C SER A 31 19.68 -4.70 4.01
N TYR A 32 19.82 -5.07 2.73
CA TYR A 32 19.86 -6.50 2.32
C TYR A 32 21.29 -7.00 2.30
N ILE B 1 1.29 9.06 6.74
CA ILE B 1 2.70 8.68 7.04
C ILE B 1 3.30 9.68 8.03
N VAL B 2 3.92 9.13 9.07
CA VAL B 2 4.45 9.90 10.13
C VAL B 2 5.97 9.85 10.02
N GLU B 3 6.60 11.02 9.97
CA GLU B 3 8.08 11.14 9.85
C GLU B 3 8.62 10.63 8.52
N GLY B 4 7.83 10.79 7.47
CA GLY B 4 8.27 10.53 6.12
C GLY B 4 8.71 11.81 5.36
N SER B 5 9.00 11.66 4.08
CA SER B 5 9.46 12.73 3.22
C SER B 5 8.41 12.91 2.14
N ASP B 6 8.54 13.96 1.35
CA ASP B 6 7.66 14.12 0.17
C ASP B 6 8.11 13.15 -0.87
N ALA B 7 7.18 12.48 -1.56
CA ALA B 7 7.61 11.52 -2.60
C ALA B 7 8.22 12.33 -3.76
N GLU B 8 9.10 11.70 -4.57
CA GLU B 8 9.53 12.24 -5.87
C GLU B 8 8.44 11.97 -6.88
N ILE B 9 8.39 12.74 -7.96
CA ILE B 9 7.41 12.52 -8.98
C ILE B 9 7.70 11.11 -9.53
N GLY B 10 6.64 10.33 -9.74
CA GLY B 10 6.75 8.98 -10.33
C GLY B 10 7.50 7.94 -9.49
N MET B 11 7.71 8.22 -8.21
CA MET B 11 8.45 7.31 -7.33
C MET B 11 7.67 6.02 -7.00
N SER B 12 6.36 6.14 -7.05
CA SER B 12 5.46 5.10 -6.60
C SER B 12 4.31 5.08 -7.54
N PRO B 13 4.58 4.72 -8.81
CA PRO B 13 3.56 4.86 -9.89
C PRO B 13 2.41 3.85 -9.85
N TRP B 14 2.52 2.88 -8.95
CA TRP B 14 1.48 1.89 -8.68
C TRP B 14 0.61 2.40 -7.51
N GLN B 15 0.99 3.49 -6.85
CA GLN B 15 0.15 4.00 -5.76
C GLN B 15 -1.23 4.44 -6.25
N VAL B 16 -2.24 4.08 -5.46
CA VAL B 16 -3.64 4.31 -5.87
C VAL B 16 -4.31 4.91 -4.71
N MET B 17 -5.02 6.03 -4.93
CA MET B 17 -5.94 6.62 -3.92
C MET B 17 -7.34 6.00 -4.04
N LEU B 18 -7.86 5.50 -2.91
CA LEU B 18 -9.27 5.09 -2.82
C LEU B 18 -10.09 6.26 -2.36
N PHE B 19 -11.06 6.62 -3.19
CA PHE B 19 -11.69 7.94 -3.05
C PHE B 19 -13.19 7.77 -2.95
N ARG B 20 -13.73 8.43 -1.94
CA ARG B 20 -15.14 8.34 -1.65
C ARG B 20 -15.89 9.39 -2.47
N LYS B 21 -16.99 9.02 -3.09
CA LYS B 21 -17.85 10.04 -3.79
C LYS B 21 -18.43 11.19 -2.91
N SER B 22 -19.31 10.90 -1.95
CA SER B 22 -19.93 11.97 -1.15
C SER B 22 -19.94 11.50 0.28
N PRO B 23 -19.21 12.19 1.18
CA PRO B 23 -18.28 13.26 0.88
C PRO B 23 -17.15 12.76 -0.04
N GLN B 24 -16.62 13.69 -0.84
CA GLN B 24 -15.49 13.44 -1.71
C GLN B 24 -14.29 13.47 -0.79
N GLU B 25 -13.88 12.29 -0.34
CA GLU B 25 -12.74 12.15 0.59
C GLU B 25 -11.82 10.91 0.34
N LEU B 26 -10.61 11.01 0.90
CA LEU B 26 -9.62 9.93 0.95
C LEU B 26 -10.14 8.86 1.88
N LEU B 27 -10.36 7.66 1.36
CA LEU B 27 -10.66 6.46 2.20
C LEU B 27 -9.39 5.73 2.62
N CYS B 28 -8.61 5.30 1.62
CA CYS B 28 -7.49 4.38 1.84
C CYS B 28 -6.44 4.57 0.74
N GLY B 29 -5.32 3.88 0.92
CA GLY B 29 -4.37 3.63 -0.16
C GLY B 29 -4.74 2.32 -0.82
N ALA B 30 -4.03 2.00 -1.89
CA ALA B 30 -4.26 0.81 -2.72
C ALA B 30 -3.08 0.73 -3.67
N SER B 31 -3.04 -0.33 -4.49
CA SER B 31 -2.01 -0.52 -5.48
C SER B 31 -2.50 -1.06 -6.81
N LEU B 32 -1.81 -0.64 -7.88
CA LEU B 32 -2.06 -1.14 -9.21
C LEU B 32 -1.14 -2.30 -9.51
N ILE B 33 -1.76 -3.46 -9.75
CA ILE B 33 -1.02 -4.71 -10.05
C ILE B 33 -1.16 -5.18 -11.55
N SER B 34 -2.09 -4.59 -12.29
CA SER B 34 -2.13 -4.77 -13.78
C SER B 34 -3.03 -3.62 -14.28
N ASP B 35 -3.44 -3.70 -15.54
CA ASP B 35 -4.22 -2.64 -16.16
C ASP B 35 -5.66 -2.61 -15.70
N ARG B 36 -6.20 -3.71 -15.18
CA ARG B 36 -7.61 -3.75 -14.73
C ARG B 36 -7.76 -4.08 -13.22
N TRP B 37 -6.65 -4.27 -12.51
CA TRP B 37 -6.70 -4.76 -11.13
C TRP B 37 -5.93 -3.91 -10.15
N VAL B 38 -6.63 -3.62 -9.06
CA VAL B 38 -6.14 -2.82 -7.96
C VAL B 38 -6.26 -3.61 -6.63
N LEU B 39 -5.18 -3.62 -5.87
CA LEU B 39 -5.08 -4.41 -4.66
C LEU B 39 -5.17 -3.46 -3.47
N THR B 40 -5.98 -3.80 -2.46
CA THR B 40 -6.09 -3.01 -1.21
C THR B 40 -6.31 -3.91 0.06
N ALA B 41 -6.51 -3.29 1.22
CA ALA B 41 -6.92 -4.02 2.42
C ALA B 41 -8.45 -4.16 2.45
N ALA B 42 -8.90 -5.33 2.90
CA ALA B 42 -10.32 -5.62 3.11
C ALA B 42 -10.97 -4.61 4.02
N HIS B 43 -10.25 -4.16 5.05
CA HIS B 43 -10.77 -3.20 6.01
C HIS B 43 -11.08 -1.84 5.43
N CYS B 44 -10.58 -1.54 4.21
CA CYS B 44 -10.94 -0.29 3.49
C CYS B 44 -12.36 -0.33 2.94
N LEU B 45 -12.81 -1.53 2.57
CA LEU B 45 -14.13 -1.77 2.04
C LEU B 45 -15.12 -2.22 3.14
N LEU B 46 -14.64 -2.94 4.16
CA LEU B 46 -15.53 -3.60 5.15
C LEU B 46 -14.90 -3.58 6.50
N TYR B 47 -15.36 -2.68 7.36
CA TYR B 47 -14.89 -2.64 8.73
C TYR B 47 -16.04 -2.21 9.66
N PRO B 48 -16.96 -3.17 9.92
CA PRO B 48 -18.15 -2.94 10.80
C PRO B 48 -17.92 -2.13 12.10
N PRO B 49 -16.79 -2.33 12.79
CA PRO B 49 -16.52 -1.49 13.94
C PRO B 49 -16.47 0.02 13.70
N TRP B 50 -15.96 0.49 12.56
CA TRP B 50 -15.97 1.93 12.22
C TRP B 50 -16.98 2.10 11.11
N ASP B 51 -18.10 1.42 11.21
CA ASP B 51 -19.27 1.63 10.34
C ASP B 51 -19.13 1.54 8.82
N LYS B 52 -18.17 0.76 8.35
CA LYS B 52 -17.73 0.78 6.96
C LYS B 52 -18.19 -0.46 6.22
N ASN B 53 -18.95 -0.25 5.15
CA ASN B 53 -19.37 -1.30 4.24
C ASN B 53 -19.60 -0.57 2.92
N PHE B 54 -18.62 -0.64 2.01
CA PHE B 54 -18.75 0.05 0.74
C PHE B 54 -19.20 -0.87 -0.38
N THR B 55 -20.04 -0.34 -1.25
CA THR B 55 -20.42 -1.01 -2.46
C THR B 55 -19.57 -0.38 -3.61
N GLU B 56 -19.51 -1.05 -4.76
CA GLU B 56 -18.76 -0.57 -5.93
C GLU B 56 -19.07 0.89 -6.24
N ASN B 57 -20.35 1.20 -6.29
CA ASN B 57 -20.73 2.53 -6.70
C ASN B 57 -20.46 3.63 -5.67
N ASP B 58 -19.99 3.35 -4.45
CA ASP B 58 -19.62 4.43 -3.52
C ASP B 58 -18.24 5.03 -3.77
N LEU B 59 -17.46 4.42 -4.67
CA LEU B 59 -16.02 4.52 -4.58
C LEU B 59 -15.44 4.85 -5.89
N LEU B 60 -14.34 5.61 -5.85
CA LEU B 60 -13.46 5.69 -7.01
C LEU B 60 -12.01 5.32 -6.67
N VAL B 61 -11.34 4.87 -7.72
CA VAL B 61 -9.88 4.76 -7.76
C VAL B 61 -9.18 5.95 -8.51
N ARG B 62 -8.16 6.55 -7.93
CA ARG B 62 -7.40 7.61 -8.57
C ARG B 62 -5.94 7.22 -8.62
N ILE B 63 -5.46 7.12 -9.86
CA ILE B 63 -4.20 6.53 -10.16
C ILE B 63 -3.33 7.58 -10.81
N GLY B 64 -2.04 7.57 -10.48
CA GLY B 64 -1.12 8.53 -11.04
C GLY B 64 -0.92 9.81 -10.25
N LYS B 65 -1.43 9.85 -9.00
CA LYS B 65 -1.46 11.08 -8.26
C LYS B 65 -0.18 11.33 -7.48
N HIS B 66 0.05 12.59 -7.18
CA HIS B 66 1.06 13.05 -6.28
C HIS B 66 0.43 13.98 -5.21
N SER B 67 -0.21 15.08 -5.66
CA SER B 67 -0.99 15.96 -4.75
C SER B 67 -2.12 15.17 -4.09
N ARG B 68 -2.28 15.34 -2.78
CA ARG B 68 -3.44 14.73 -2.07
C ARG B 68 -4.76 15.34 -2.51
N THR B 69 -4.86 16.68 -2.45
CA THR B 69 -6.17 17.35 -2.73
C THR B 69 -6.47 17.84 -4.12
N ARG B 70 -5.46 18.15 -4.95
CA ARG B 70 -5.67 18.65 -6.34
C ARG B 70 -6.21 17.59 -7.22
N TYR B 71 -7.05 18.00 -8.17
CA TYR B 71 -7.37 17.18 -9.30
C TYR B 71 -6.25 17.37 -10.35
N GLU B 72 -5.48 16.32 -10.59
CA GLU B 72 -4.23 16.45 -11.32
C GLU B 72 -4.47 16.19 -12.82
N ARG B 73 -5.03 17.23 -13.42
CA ARG B 73 -5.49 17.22 -14.80
C ARG B 73 -4.38 16.80 -15.75
N ASN B 74 -4.72 15.92 -16.69
CA ASN B 74 -3.78 15.34 -17.69
C ASN B 74 -2.80 14.31 -17.09
N ILE B 75 -2.78 14.14 -15.76
CA ILE B 75 -1.86 13.25 -15.08
C ILE B 75 -2.55 12.04 -14.44
N GLU B 76 -3.50 12.28 -13.53
CA GLU B 76 -4.26 11.20 -12.93
C GLU B 76 -5.34 10.65 -13.82
N LYS B 77 -5.64 9.40 -13.50
CA LYS B 77 -6.71 8.68 -14.11
C LYS B 77 -7.66 8.28 -12.93
N ILE B 78 -8.95 8.57 -13.09
CA ILE B 78 -9.98 8.24 -12.10
C ILE B 78 -10.75 7.10 -12.72
N SER B 79 -10.86 5.97 -12.01
CA SER B 79 -11.51 4.81 -12.58
C SER B 79 -12.68 4.35 -11.69
N MET B 80 -13.52 3.57 -12.34
CA MET B 80 -14.74 3.04 -11.76
C MET B 80 -14.53 1.57 -11.45
N LEU B 81 -15.18 1.11 -10.40
CA LEU B 81 -15.12 -0.27 -10.00
C LEU B 81 -16.25 -1.08 -10.61
N GLU B 82 -15.89 -2.08 -11.39
CA GLU B 82 -16.75 -3.17 -11.76
C GLU B 82 -17.09 -4.05 -10.55
N LYS B 83 -16.08 -4.61 -9.87
CA LYS B 83 -16.35 -5.51 -8.71
C LYS B 83 -15.28 -5.52 -7.56
N ILE B 84 -15.79 -5.47 -6.33
CA ILE B 84 -15.04 -5.67 -5.11
C ILE B 84 -15.08 -7.13 -4.74
N TYR B 85 -13.98 -7.63 -4.20
CA TYR B 85 -13.83 -9.01 -3.73
C TYR B 85 -13.03 -8.93 -2.45
N ILE B 86 -13.64 -9.34 -1.35
CA ILE B 86 -12.98 -9.45 -0.07
C ILE B 86 -12.58 -10.89 0.13
N HIS B 87 -11.42 -11.12 0.74
CA HIS B 87 -11.00 -12.50 0.96
C HIS B 87 -12.11 -13.16 1.82
N PRO B 88 -12.53 -14.39 1.46
CA PRO B 88 -13.68 -14.93 2.21
C PRO B 88 -13.32 -15.32 3.67
N ARG B 89 -12.05 -15.58 3.97
CA ARG B 89 -11.64 -15.81 5.38
C ARG B 89 -11.11 -14.56 6.09
N TYR B 90 -11.29 -13.38 5.51
CA TYR B 90 -11.03 -12.12 6.23
C TYR B 90 -11.69 -11.99 7.66
N ASN B 91 -10.84 -11.84 8.67
CA ASN B 91 -11.26 -11.78 10.05
C ASN B 91 -11.31 -10.36 10.56
N TRP B 92 -12.44 -9.71 10.33
CA TRP B 92 -12.64 -8.39 10.86
C TRP B 92 -13.06 -8.34 12.34
N ARG B 93 -13.55 -9.45 12.89
CA ARG B 93 -13.88 -9.52 14.35
C ARG B 93 -12.68 -9.50 15.27
N GLU B 94 -11.56 -10.08 14.86
CA GLU B 94 -10.52 -10.45 15.80
C GLU B 94 -9.26 -9.60 15.68
N ASN B 95 -8.46 -9.91 14.63
CA ASN B 95 -7.08 -9.39 14.46
C ASN B 95 -6.75 -8.88 13.00
N LEU B 96 -7.78 -8.83 12.15
CA LEU B 96 -7.62 -8.51 10.72
C LEU B 96 -6.79 -9.54 9.93
N ASP B 97 -6.97 -10.82 10.28
CA ASP B 97 -6.31 -11.84 9.58
C ASP B 97 -6.91 -11.82 8.16
N ARG B 98 -6.03 -12.02 7.19
CA ARG B 98 -6.30 -11.97 5.78
C ARG B 98 -6.93 -10.66 5.33
N ASP B 99 -6.33 -9.56 5.78
CA ASP B 99 -6.77 -8.18 5.43
C ASP B 99 -6.36 -7.83 3.95
N ILE B 100 -7.17 -8.32 3.00
CA ILE B 100 -6.85 -8.20 1.61
C ILE B 100 -8.15 -8.13 0.77
N ALA B 101 -8.23 -7.21 -0.21
CA ALA B 101 -9.30 -7.21 -1.21
C ALA B 101 -8.77 -6.87 -2.59
N LEU B 102 -9.43 -7.39 -3.62
CA LEU B 102 -9.15 -6.99 -4.99
C LEU B 102 -10.35 -6.21 -5.54
N MET B 103 -10.02 -5.29 -6.44
CA MET B 103 -11.00 -4.42 -7.08
C MET B 103 -10.75 -4.49 -8.56
N LYS B 104 -11.74 -4.99 -9.32
CA LYS B 104 -11.67 -4.96 -10.80
C LYS B 104 -12.24 -3.66 -11.29
N LEU B 105 -11.47 -2.99 -12.13
CA LEU B 105 -11.85 -1.71 -12.69
C LEU B 105 -12.81 -1.91 -13.89
N LYS B 106 -13.80 -1.01 -14.05
CA LYS B 106 -14.72 -1.14 -15.21
C LYS B 106 -14.04 -1.22 -16.61
N LYS B 107 -12.97 -0.43 -16.85
CA LYS B 107 -12.11 -0.62 -18.04
C LYS B 107 -10.63 -0.50 -17.76
N PRO B 108 -9.80 -1.09 -18.62
CA PRO B 108 -8.32 -0.99 -18.44
C PRO B 108 -7.79 0.45 -18.48
N VAL B 109 -6.73 0.70 -17.73
CA VAL B 109 -6.18 2.02 -17.67
C VAL B 109 -4.97 1.93 -18.51
N ALA B 110 -4.62 3.05 -19.13
CA ALA B 110 -3.39 3.15 -19.88
C ALA B 110 -2.25 3.54 -18.94
N PHE B 111 -1.14 2.82 -19.07
CA PHE B 111 0.05 3.14 -18.29
C PHE B 111 0.68 4.43 -18.81
N SER B 112 1.52 5.04 -18.00
CA SER B 112 2.07 6.32 -18.36
C SER B 112 3.35 6.46 -17.58
N ASP B 113 3.92 7.62 -17.59
CA ASP B 113 5.03 7.88 -16.73
C ASP B 113 4.69 7.86 -15.23
N TYR B 114 3.40 8.05 -14.91
CA TYR B 114 3.00 8.24 -13.51
C TYR B 114 2.16 7.08 -13.02
N ILE B 115 1.90 6.14 -13.95
CA ILE B 115 0.92 5.03 -13.82
C ILE B 115 1.55 3.77 -14.33
N HIS B 116 1.91 2.89 -13.40
CA HIS B 116 2.63 1.65 -13.69
C HIS B 116 2.46 0.56 -12.62
N PRO B 117 2.22 -0.70 -13.03
CA PRO B 117 1.95 -1.73 -12.00
C PRO B 117 3.17 -2.22 -11.25
N VAL B 118 2.95 -2.54 -9.98
CA VAL B 118 4.00 -3.12 -9.12
C VAL B 118 3.96 -4.63 -9.33
N CYS B 119 5.09 -5.28 -9.16
CA CYS B 119 5.11 -6.78 -9.16
C CYS B 119 4.55 -7.40 -7.87
N LEU B 120 3.87 -8.53 -8.00
CA LEU B 120 3.63 -9.41 -6.83
C LEU B 120 4.69 -10.44 -6.64
N PRO B 121 5.05 -10.77 -5.40
CA PRO B 121 6.16 -11.68 -5.18
C PRO B 121 5.88 -13.17 -5.50
N ASP B 122 6.95 -13.88 -5.85
CA ASP B 122 6.97 -15.34 -5.98
C ASP B 122 7.59 -15.86 -4.73
N ARG B 123 7.43 -17.15 -4.50
CA ARG B 123 7.95 -17.81 -3.28
C ARG B 123 9.34 -17.41 -2.93
N GLU B 124 10.21 -17.41 -3.94
CA GLU B 124 11.69 -17.29 -3.72
C GLU B 124 12.01 -15.84 -3.37
N THR B 125 11.32 -14.90 -4.02
CA THR B 125 11.52 -13.49 -3.73
C THR B 125 11.02 -13.22 -2.28
N ALA B 126 9.85 -13.75 -1.97
CA ALA B 126 9.38 -13.71 -0.57
C ALA B 126 10.39 -14.30 0.41
N ALA B 127 10.84 -15.51 0.13
CA ALA B 127 11.76 -16.18 1.06
C ALA B 127 13.05 -15.44 1.16
N SER B 128 13.48 -14.86 0.05
CA SER B 128 14.73 -14.11 0.12
C SER B 128 14.68 -12.67 0.77
N LEU B 129 13.60 -11.95 0.53
CA LEU B 129 13.49 -10.55 0.98
C LEU B 129 12.74 -10.33 2.31
N LEU B 130 11.88 -11.25 2.69
CA LEU B 130 11.04 -11.00 3.85
C LEU B 130 11.73 -11.47 5.11
N GLN B 131 12.75 -10.72 5.52
CA GLN B 131 13.63 -11.06 6.60
C GLN B 131 13.78 -9.90 7.56
N ALA B 132 13.82 -10.18 8.84
CA ALA B 132 13.98 -9.16 9.87
C ALA B 132 15.20 -8.33 9.59
N GLY B 133 15.05 -6.99 9.69
CA GLY B 133 16.14 -6.02 9.38
C GLY B 133 16.16 -5.49 7.97
N TYR B 134 15.61 -6.25 7.03
CA TYR B 134 15.51 -5.78 5.64
C TYR B 134 14.38 -4.72 5.60
N LYS B 135 14.60 -3.68 4.80
CA LYS B 135 13.68 -2.59 4.74
C LYS B 135 12.80 -2.59 3.52
N GLY B 136 11.54 -2.21 3.73
CA GLY B 136 10.64 -1.96 2.67
C GLY B 136 10.22 -0.52 2.75
N ARG B 137 9.30 -0.16 1.86
CA ARG B 137 8.91 1.23 1.76
C ARG B 137 7.39 1.31 1.76
N VAL B 138 6.88 2.30 2.50
CA VAL B 138 5.45 2.54 2.54
C VAL B 138 5.18 3.96 2.05
N THR B 139 4.12 4.14 1.27
CA THR B 139 3.72 5.41 0.79
C THR B 139 2.25 5.60 1.02
N GLY B 140 1.85 6.86 1.17
CA GLY B 140 0.45 7.23 1.07
C GLY B 140 0.17 8.68 1.52
N TRP B 141 -1.12 9.00 1.55
CA TRP B 141 -1.64 10.35 1.84
C TRP B 141 -2.29 10.49 3.22
N GLY B 142 -2.06 9.54 4.12
CA GLY B 142 -2.69 9.55 5.41
C GLY B 142 -2.02 10.57 6.32
N ASN B 143 -2.48 10.62 7.57
CA ASN B 143 -2.10 11.72 8.49
C ASN B 143 -0.61 11.70 8.83
N LEU B 144 -0.06 12.88 9.11
CA LEU B 144 1.36 13.01 9.48
C LEU B 144 1.63 12.70 10.97
N LYS B 145 0.56 12.54 11.74
CA LYS B 145 0.70 12.11 13.15
C LYS B 145 -0.61 11.62 13.69
N GLU B 146 -0.51 10.93 14.82
CA GLU B 146 -1.65 10.41 15.54
C GLU B 146 -2.40 11.58 16.20
N GLN B 156 -2.09 16.55 8.10
CA GLN B 156 -2.24 16.04 6.73
C GLN B 156 -1.30 16.63 5.67
N PRO B 157 -0.81 15.78 4.73
CA PRO B 157 0.17 16.19 3.74
C PRO B 157 -0.45 16.90 2.51
N SER B 158 0.32 17.79 1.93
CA SER B 158 0.00 18.29 0.59
C SER B 158 0.28 17.24 -0.50
N VAL B 159 1.39 16.54 -0.38
CA VAL B 159 1.76 15.50 -1.34
C VAL B 159 2.04 14.12 -0.71
N LEU B 160 1.94 13.10 -1.56
CA LEU B 160 2.30 11.72 -1.22
C LEU B 160 3.58 11.67 -0.41
N GLN B 161 3.53 10.92 0.68
CA GLN B 161 4.65 10.77 1.61
C GLN B 161 5.27 9.37 1.50
N VAL B 162 6.53 9.27 1.92
CA VAL B 162 7.28 8.04 1.78
C VAL B 162 8.13 7.81 3.03
N VAL B 163 8.15 6.55 3.49
CA VAL B 163 9.07 6.19 4.56
C VAL B 163 9.59 4.77 4.37
N ASN B 164 10.87 4.58 4.72
CA ASN B 164 11.52 3.30 4.63
C ASN B 164 11.62 2.68 6.03
N LEU B 165 11.10 1.46 6.22
CA LEU B 165 10.92 0.82 7.56
C LEU B 165 11.45 -0.56 7.56
N PRO B 166 12.15 -0.94 8.64
CA PRO B 166 12.64 -2.31 8.68
C PRO B 166 11.59 -3.36 9.11
N ILE B 167 11.63 -4.53 8.48
CA ILE B 167 10.83 -5.66 8.90
C ILE B 167 11.33 -6.10 10.25
N VAL B 168 10.43 -6.45 11.18
CA VAL B 168 10.81 -6.78 12.56
C VAL B 168 10.61 -8.27 12.84
N GLU B 169 11.50 -8.80 13.70
CA GLU B 169 11.48 -10.19 14.10
C GLU B 169 10.11 -10.56 14.68
N ARG B 170 9.60 -11.71 14.30
CA ARG B 170 8.22 -12.11 14.69
C ARG B 170 8.01 -12.07 16.22
N PRO B 171 8.96 -12.62 17.01
CA PRO B 171 8.72 -12.56 18.46
C PRO B 171 8.48 -11.15 18.99
N VAL B 172 9.30 -10.19 18.57
CA VAL B 172 9.14 -8.77 18.87
C VAL B 172 7.80 -8.16 18.44
N CYS B 173 7.40 -8.42 17.21
CA CYS B 173 6.03 -8.06 16.75
C CYS B 173 5.00 -8.52 17.79
N LYS B 174 5.04 -9.82 18.15
CA LYS B 174 4.07 -10.42 19.07
C LYS B 174 4.10 -9.82 20.51
N ASP B 175 5.30 -9.58 21.01
CA ASP B 175 5.52 -8.97 22.34
C ASP B 175 5.26 -7.45 22.42
N SER B 176 5.04 -6.81 21.27
CA SER B 176 4.64 -5.42 21.21
C SER B 176 3.14 -5.23 21.45
N THR B 177 2.36 -6.29 21.50
CA THR B 177 0.90 -6.12 21.45
C THR B 177 0.21 -7.28 22.14
N ARG B 178 -1.03 -7.05 22.53
CA ARG B 178 -1.80 -8.11 23.08
C ARG B 178 -2.69 -8.70 22.05
N ILE B 179 -2.73 -8.14 20.84
CA ILE B 179 -3.42 -8.83 19.79
C ILE B 179 -2.69 -10.11 19.38
N ARG B 180 -3.45 -11.11 18.96
CA ARG B 180 -2.92 -12.38 18.44
C ARG B 180 -2.55 -12.33 16.93
N ILE B 181 -1.26 -12.28 16.66
CA ILE B 181 -0.69 -12.04 15.36
C ILE B 181 -0.87 -13.36 14.62
N THR B 182 -1.07 -13.36 13.30
CA THR B 182 -1.01 -14.60 12.50
C THR B 182 0.13 -14.60 11.53
N ASP B 183 0.40 -15.77 11.00
CA ASP B 183 1.39 -15.94 9.91
C ASP B 183 1.10 -15.15 8.61
N ASN B 184 -0.17 -14.79 8.40
CA ASN B 184 -0.62 -13.95 7.31
C ASN B 184 -0.33 -12.48 7.54
N MET B 185 0.38 -12.10 8.61
CA MET B 185 0.79 -10.72 8.77
C MET B 185 2.24 -10.65 9.26
N PHE B 186 2.89 -9.55 8.99
CA PHE B 186 4.25 -9.27 9.49
C PHE B 186 4.26 -7.84 10.01
N CYS B 187 5.28 -7.46 10.79
CA CYS B 187 5.29 -6.13 11.29
C CYS B 187 6.58 -5.48 10.90
N ALA B 188 6.56 -4.15 10.91
CA ALA B 188 7.73 -3.33 10.53
C ALA B 188 7.80 -1.98 11.31
N GLY B 189 8.99 -1.37 11.37
CA GLY B 189 9.21 -0.22 12.20
C GLY B 189 10.53 -0.27 12.89
N TYR B 190 11.01 0.89 13.28
CA TYR B 190 12.23 0.98 14.07
C TYR B 190 11.85 0.68 15.54
N LYS B 191 12.81 0.13 16.24
CA LYS B 191 12.70 -0.15 17.67
C LYS B 191 12.96 1.17 18.42
N PRO B 192 12.52 1.25 19.68
CA PRO B 192 12.80 2.48 20.47
C PRO B 192 14.25 2.99 20.45
N ASP B 193 15.22 2.08 20.58
CA ASP B 193 16.65 2.42 20.68
C ASP B 193 17.24 2.97 19.43
N GLU B 194 16.62 2.60 18.31
CA GLU B 194 17.20 2.93 17.01
C GLU B 194 17.06 4.43 16.75
N GLY B 195 17.97 4.96 15.94
CA GLY B 195 18.04 6.38 15.69
C GLY B 195 16.85 6.96 14.93
N LYS B 196 16.23 6.17 14.05
CA LYS B 196 15.17 6.60 13.14
C LYS B 196 13.79 6.23 13.67
N ARG B 197 12.76 6.91 13.19
CA ARG B 197 11.40 6.48 13.46
C ARG B 197 10.57 6.60 12.19
N GLY B 198 9.26 6.41 12.29
CA GLY B 198 8.35 6.51 11.16
C GLY B 198 7.31 5.40 11.15
N ASP B 199 6.15 5.64 10.53
CA ASP B 199 5.04 4.69 10.53
C ASP B 199 3.99 5.09 9.53
N ALA B 200 3.10 4.16 9.18
CA ALA B 200 1.89 4.53 8.48
C ALA B 200 0.97 5.14 9.53
N CYS B 201 -0.10 5.75 9.06
CA CYS B 201 -1.14 6.27 9.93
C CYS B 201 -2.47 6.28 9.20
N GLU B 202 -3.49 6.90 9.79
CA GLU B 202 -4.86 6.76 9.25
C GLU B 202 -4.95 7.47 7.91
N GLY B 203 -5.61 6.83 6.96
CA GLY B 203 -5.58 7.21 5.55
C GLY B 203 -4.51 6.53 4.64
N ASP B 204 -3.43 5.98 5.25
CA ASP B 204 -2.41 5.12 4.54
C ASP B 204 -2.77 3.69 4.34
N SER B 205 -3.77 3.23 5.10
CA SER B 205 -4.09 1.80 5.14
C SER B 205 -4.71 1.34 3.80
N GLY B 206 -4.46 0.07 3.48
CA GLY B 206 -4.67 -0.47 2.15
C GLY B 206 -3.56 -0.21 1.13
N GLY B 207 -2.68 0.75 1.37
CA GLY B 207 -1.54 0.98 0.52
C GLY B 207 -0.42 -0.07 0.55
N PRO B 208 0.60 0.11 -0.27
CA PRO B 208 1.59 -0.95 -0.48
C PRO B 208 2.82 -0.82 0.42
N PHE B 209 3.31 -1.97 0.92
CA PHE B 209 4.64 -2.07 1.55
C PHE B 209 5.49 -2.75 0.44
N VAL B 210 6.44 -2.03 -0.11
CA VAL B 210 7.14 -2.54 -1.32
C VAL B 210 8.58 -2.76 -0.95
N MET B 211 9.23 -3.67 -1.66
CA MET B 211 10.70 -3.86 -1.59
C MET B 211 11.31 -3.92 -2.99
N LYS B 212 12.57 -3.52 -3.14
CA LYS B 212 13.20 -3.56 -4.50
C LYS B 212 14.11 -4.76 -4.55
N SER B 213 13.88 -5.69 -5.47
CA SER B 213 14.76 -6.90 -5.52
C SER B 213 16.17 -6.50 -5.93
N PRO B 214 17.22 -6.91 -5.20
CA PRO B 214 18.61 -6.62 -5.68
C PRO B 214 19.06 -7.59 -6.82
N PHE B 215 18.22 -8.54 -7.18
CA PHE B 215 18.51 -9.53 -8.19
C PHE B 215 18.08 -9.02 -9.57
N ASN B 216 16.85 -8.49 -9.68
CA ASN B 216 16.33 -8.10 -10.97
C ASN B 216 15.92 -6.62 -11.08
N ASN B 217 16.22 -5.83 -10.02
CA ASN B 217 15.94 -4.43 -9.94
C ASN B 217 14.43 -4.06 -9.99
N ARG B 218 13.52 -4.99 -9.81
CA ARG B 218 12.07 -4.71 -9.82
C ARG B 218 11.47 -4.54 -8.35
N TRP B 219 10.40 -3.77 -8.31
CA TRP B 219 9.71 -3.46 -7.08
C TRP B 219 8.60 -4.49 -6.93
N TYR B 220 8.60 -5.11 -5.77
CA TYR B 220 7.67 -6.10 -5.32
C TYR B 220 6.78 -5.63 -4.14
N GLN B 221 5.48 -5.77 -4.28
CA GLN B 221 4.57 -5.57 -3.14
C GLN B 221 4.50 -6.79 -2.17
N MET B 222 5.22 -6.66 -1.07
CA MET B 222 5.35 -7.70 -0.07
C MET B 222 4.28 -7.57 0.99
N GLY B 223 3.86 -6.32 1.26
CA GLY B 223 2.87 -6.06 2.30
C GLY B 223 1.68 -5.21 1.80
N ILE B 224 0.59 -5.27 2.54
CA ILE B 224 -0.45 -4.27 2.51
C ILE B 224 -0.56 -3.65 3.91
N VAL B 225 -0.65 -2.35 3.98
CA VAL B 225 -0.73 -1.57 5.23
C VAL B 225 -2.04 -1.99 5.93
N SER B 226 -1.94 -2.52 7.16
CA SER B 226 -3.10 -3.20 7.74
C SER B 226 -3.59 -2.54 8.98
N TRP B 227 -2.79 -2.56 10.03
CA TRP B 227 -3.17 -1.83 11.24
C TRP B 227 -1.99 -1.49 12.08
N GLY B 228 -2.26 -0.62 13.07
CA GLY B 228 -1.34 -0.24 14.11
C GLY B 228 -2.11 0.34 15.29
N GLU B 229 -1.46 0.34 16.44
CA GLU B 229 -2.02 0.79 17.71
C GLU B 229 -1.42 2.15 18.06
N GLY B 230 -2.23 3.34 17.25
CA GLY B 230 -1.49 4.60 17.20
C GLY B 230 -0.71 4.65 15.90
N CYS B 231 0.14 5.65 15.81
CA CYS B 231 0.97 5.88 14.63
C CYS B 231 2.27 6.29 15.23
N ASP B 232 3.29 5.49 14.97
CA ASP B 232 4.65 5.86 15.35
C ASP B 232 4.88 5.96 16.89
N ARG B 233 4.19 5.15 17.65
CA ARG B 233 4.45 5.02 19.11
C ARG B 233 5.70 4.21 19.31
N ASP B 234 6.52 4.60 20.30
CA ASP B 234 7.68 3.77 20.71
C ASP B 234 7.25 2.39 21.22
N GLY B 235 7.88 1.32 20.75
CA GLY B 235 7.54 -0.03 21.21
C GLY B 235 6.31 -0.60 20.54
N LYS B 236 5.71 0.15 19.60
CA LYS B 236 4.69 -0.39 18.72
C LYS B 236 5.22 -0.47 17.30
N TYR B 237 4.55 -1.28 16.49
CA TYR B 237 4.94 -1.48 15.08
C TYR B 237 3.70 -1.50 14.19
N GLY B 238 3.87 -1.22 12.91
CA GLY B 238 2.77 -1.38 11.97
C GLY B 238 2.67 -2.82 11.52
N PHE B 239 1.43 -3.27 11.29
CA PHE B 239 1.19 -4.61 10.84
C PHE B 239 0.78 -4.54 9.38
N TYR B 240 1.30 -5.50 8.63
CA TYR B 240 1.15 -5.62 7.18
C TYR B 240 0.63 -7.01 6.82
N THR B 241 -0.36 -7.07 5.91
CA THR B 241 -0.79 -8.30 5.25
C THR B 241 0.34 -8.90 4.41
N HIS B 242 0.61 -10.18 4.65
CA HIS B 242 1.63 -11.02 3.99
C HIS B 242 1.12 -11.45 2.60
N VAL B 243 1.53 -10.69 1.58
CA VAL B 243 0.96 -10.78 0.25
C VAL B 243 1.26 -12.12 -0.38
N PHE B 244 2.51 -12.56 -0.31
CA PHE B 244 2.85 -13.87 -0.81
C PHE B 244 1.95 -14.98 -0.20
N ARG B 245 1.67 -14.90 1.10
CA ARG B 245 0.94 -15.96 1.73
C ARG B 245 -0.45 -16.04 1.13
N LEU B 246 -0.99 -14.93 0.66
CA LEU B 246 -2.34 -14.95 0.14
C LEU B 246 -2.36 -14.98 -1.36
N LYS B 247 -1.22 -15.31 -1.98
CA LYS B 247 -1.10 -15.08 -3.42
C LYS B 247 -1.92 -16.09 -4.23
N LYS B 248 -2.15 -17.30 -3.68
CA LYS B 248 -3.04 -18.26 -4.33
C LYS B 248 -4.48 -17.74 -4.42
N TRP B 249 -4.99 -17.12 -3.35
CA TRP B 249 -6.27 -16.44 -3.48
C TRP B 249 -6.23 -15.35 -4.56
N ILE B 250 -5.11 -14.64 -4.67
CA ILE B 250 -4.99 -13.55 -5.60
C ILE B 250 -5.17 -14.07 -7.02
N GLN B 251 -4.42 -15.09 -7.42
CA GLN B 251 -4.49 -15.55 -8.82
C GLN B 251 -5.68 -16.47 -9.11
N LYS B 252 -6.25 -17.04 -8.05
CA LYS B 252 -7.62 -17.58 -8.12
C LYS B 252 -8.57 -16.56 -8.67
N VAL B 253 -8.74 -15.44 -7.98
CA VAL B 253 -9.82 -14.55 -8.41
C VAL B 253 -9.47 -13.94 -9.75
N ILE B 254 -8.18 -13.81 -10.04
CA ILE B 254 -7.79 -13.19 -11.29
C ILE B 254 -8.08 -14.13 -12.49
N ASP B 255 -7.78 -15.43 -12.39
CA ASP B 255 -8.13 -16.41 -13.46
C ASP B 255 -9.53 -17.03 -13.36
N GLN B 256 -10.50 -16.15 -13.07
CA GLN B 256 -11.84 -16.50 -12.68
C GLN B 256 -12.60 -15.23 -12.42
N ASP C 3 -9.08 20.53 2.30
CA ASP C 3 -10.06 19.59 1.71
C ASP C 3 -9.94 19.50 0.18
N PHE C 4 -10.87 18.82 -0.46
CA PHE C 4 -10.56 18.22 -1.73
C PHE C 4 -11.09 19.05 -2.87
N GLU C 5 -10.23 19.33 -3.86
CA GLU C 5 -10.67 19.95 -5.10
C GLU C 5 -11.64 19.01 -5.80
N GLU C 6 -12.73 19.57 -6.27
CA GLU C 6 -13.80 18.83 -6.92
C GLU C 6 -13.30 18.13 -8.17
N ILE C 7 -13.84 16.94 -8.45
CA ILE C 7 -13.43 16.14 -9.60
C ILE C 7 -14.48 16.14 -10.73
N PRO C 8 -13.99 16.12 -12.00
CA PRO C 8 -14.89 16.18 -13.13
C PRO C 8 -16.14 15.30 -12.97
N GLU C 9 -17.32 15.91 -12.95
CA GLU C 9 -18.56 15.16 -12.66
C GLU C 9 -18.84 13.97 -13.59
N GLU C 10 -18.16 13.90 -14.73
CA GLU C 10 -18.15 12.70 -15.62
C GLU C 10 -17.81 11.35 -14.90
N LEU C 12 -18.26 10.95 -11.43
CA LEU C 12 -19.37 10.83 -10.47
C LEU C 12 -20.62 10.18 -11.08
#